data_5MHH
#
_entry.id   5MHH
#
_cell.length_a   90.857
_cell.length_b   90.857
_cell.length_c   44.200
_cell.angle_alpha   90.000
_cell.angle_beta   90.000
_cell.angle_gamma   90.000
#
_symmetry.space_group_name_H-M   'I 4'
#
loop_
_entity.id
_entity.type
_entity.pdbx_description
1 polymer 'Neutrophil gelatinase-associated lipocalin'
2 non-polymer 'SULFATE ION'
3 water water
#
_entity_poly.entity_id   1
_entity_poly.type   'polypeptide(L)'
_entity_poly.pdbx_seq_one_letter_code
;QDSTSDLIPAPPLSKVPLQQNFQDNQFHGKWYVVG(7N8)AGNAILREDKDPQKMFATIYELKEDKSYNVTSVLFRKKKC
DYWIRTFVPGSQPGEFTLGNIKSYPGLTSYLVRVVSTNYNQHAMVFFKWVSQNREYFNITLYGRTKELTSELKENFIRFS
KSLGLPENHIVFPVPIDQCIDGSAWSHPQFEK
;
_entity_poly.pdbx_strand_id   A
#
loop_
_chem_comp.id
_chem_comp.type
_chem_comp.name
_chem_comp.formula
SO4 non-polymer 'SULFATE ION' 'O4 S -2'
#
# COMPACT_ATOMS: atom_id res chain seq x y z
N SER A 5 6.63 22.00 -5.49
CA SER A 5 7.10 22.46 -6.83
C SER A 5 6.85 21.41 -7.90
N ASP A 6 7.57 20.29 -7.80
CA ASP A 6 7.62 19.29 -8.86
C ASP A 6 7.35 17.89 -8.30
N LEU A 7 6.63 17.10 -9.08
CA LEU A 7 6.40 15.69 -8.79
C LEU A 7 6.65 14.90 -10.06
N ILE A 8 7.23 13.72 -9.92
CA ILE A 8 7.37 12.78 -11.03
C ILE A 8 5.94 12.50 -11.53
N PRO A 9 5.72 12.61 -12.86
CA PRO A 9 4.37 12.32 -13.34
C PRO A 9 4.02 10.83 -13.16
N ALA A 10 2.74 10.56 -12.96
CA ALA A 10 2.28 9.18 -12.78
C ALA A 10 2.46 8.42 -14.08
N PRO A 11 2.78 7.13 -13.99
CA PRO A 11 3.00 6.38 -15.21
C PRO A 11 1.66 6.08 -15.89
N PRO A 12 1.69 5.86 -17.22
CA PRO A 12 0.46 5.45 -17.89
C PRO A 12 0.00 4.08 -17.38
N LEU A 13 -1.30 3.91 -17.25
CA LEU A 13 -1.86 2.70 -16.64
C LEU A 13 -1.54 1.41 -17.40
N SER A 14 -1.22 1.51 -18.70
CA SER A 14 -0.72 0.37 -19.49
C SER A 14 0.62 -0.18 -18.99
N LYS A 15 1.41 0.65 -18.30
CA LYS A 15 2.65 0.21 -17.66
C LYS A 15 2.46 -0.47 -16.29
N VAL A 16 1.23 -0.49 -15.78
CA VAL A 16 0.91 -1.11 -14.50
C VAL A 16 0.07 -2.37 -14.74
N PRO A 17 0.68 -3.56 -14.58
CA PRO A 17 -0.10 -4.80 -14.71
C PRO A 17 -1.25 -4.89 -13.71
N LEU A 18 -2.27 -5.66 -14.07
CA LEU A 18 -3.39 -5.96 -13.21
C LEU A 18 -3.35 -7.46 -12.93
N GLN A 19 -3.51 -7.85 -11.68
CA GLN A 19 -3.58 -9.28 -11.32
C GLN A 19 -4.77 -9.92 -12.04
N GLN A 20 -4.49 -10.94 -12.85
CA GLN A 20 -5.55 -11.65 -13.57
C GLN A 20 -6.52 -12.34 -12.60
N ASN A 21 -7.81 -12.29 -12.93
CA ASN A 21 -8.88 -12.93 -12.16
C ASN A 21 -8.74 -12.76 -10.65
N PHE A 22 -8.63 -11.49 -10.27
CA PHE A 22 -8.46 -11.12 -8.88
C PHE A 22 -9.52 -11.75 -7.98
N GLN A 23 -9.06 -12.34 -6.88
CA GLN A 23 -9.91 -13.06 -5.93
C GLN A 23 -10.04 -12.22 -4.66
N ASP A 24 -11.17 -11.53 -4.53
CA ASP A 24 -11.36 -10.58 -3.44
C ASP A 24 -11.43 -11.27 -2.07
N ASN A 25 -12.05 -12.45 -2.02
CA ASN A 25 -12.12 -13.22 -0.78
C ASN A 25 -10.74 -13.61 -0.30
N GLN A 26 -9.88 -14.12 -1.19
CA GLN A 26 -8.52 -14.53 -0.81
C GLN A 26 -7.57 -13.37 -0.46
N PHE A 27 -7.82 -12.17 -0.98
CA PHE A 27 -6.97 -11.01 -0.66
C PHE A 27 -7.23 -10.43 0.73
N HIS A 28 -8.36 -10.80 1.34
CA HIS A 28 -8.81 -10.26 2.62
C HIS A 28 -7.81 -10.51 3.75
N GLY A 29 -7.99 -9.76 4.82
CA GLY A 29 -7.19 -9.90 6.03
C GLY A 29 -6.01 -8.95 6.09
N LYS A 30 -5.02 -9.33 6.89
CA LYS A 30 -3.96 -8.44 7.27
C LYS A 30 -2.75 -8.60 6.35
N TRP A 31 -2.24 -7.46 5.87
CA TRP A 31 -1.01 -7.37 5.11
C TRP A 31 -0.11 -6.38 5.81
N TYR A 32 1.20 -6.69 5.82
CA TYR A 32 2.23 -5.80 6.37
C TYR A 32 2.88 -5.06 5.21
N VAL A 33 3.22 -3.79 5.41
CA VAL A 33 3.87 -2.99 4.38
C VAL A 33 5.39 -3.16 4.47
N VAL A 34 5.90 -4.07 3.63
CA VAL A 34 7.30 -4.43 3.61
C VAL A 34 8.08 -3.48 2.69
N GLY A 35 7.41 -2.94 1.67
CA GLY A 35 8.01 -1.94 0.80
C GLY A 35 6.99 -0.90 0.36
O 7N8 A 36 8.38 2.93 -0.51
C 7N8 A 36 7.31 2.42 -0.92
CA 7N8 A 36 6.59 1.38 -0.06
N 7N8 A 36 7.57 0.29 0.21
CB 7N8 A 36 6.15 2.04 1.25
CG 7N8 A 36 4.94 2.94 1.14
CD2 7N8 A 36 3.69 2.41 1.46
CE2 7N8 A 36 2.55 3.21 1.41
CZ 7N8 A 36 2.65 4.55 1.05
BZ 7N8 A 36 1.35 5.43 1.00
OB1 7N8 A 36 0.13 4.89 1.31
OB2 7N8 A 36 1.42 6.73 0.65
CE1 7N8 A 36 3.89 5.09 0.72
CD1 7N8 A 36 5.05 4.29 0.77
N ALA A 37 6.80 2.73 -2.13
CA ALA A 37 7.45 3.69 -3.05
C ALA A 37 6.41 4.66 -3.57
N GLY A 38 6.80 5.92 -3.73
CA GLY A 38 5.87 6.90 -4.28
C GLY A 38 6.54 8.17 -4.73
N ASN A 39 5.82 8.96 -5.55
CA ASN A 39 6.37 10.24 -6.03
C ASN A 39 6.44 11.33 -4.94
N ALA A 40 5.70 11.16 -3.84
CA ALA A 40 5.76 12.07 -2.68
C ALA A 40 6.33 11.39 -1.42
N ILE A 41 7.04 10.29 -1.60
CA ILE A 41 7.64 9.54 -0.50
C ILE A 41 9.16 9.65 -0.68
N LEU A 42 9.85 9.99 0.39
CA LEU A 42 11.29 10.08 0.36
C LEU A 42 11.81 9.18 1.47
N ARG A 43 12.68 8.25 1.09
CA ARG A 43 13.37 7.42 2.04
C ARG A 43 14.27 8.31 2.91
N GLU A 44 14.17 8.16 4.22
CA GLU A 44 14.93 8.96 5.16
C GLU A 44 15.34 8.03 6.30
N ASP A 45 16.57 7.50 6.19
CA ASP A 45 17.05 6.46 7.12
C ASP A 45 17.43 6.95 8.52
N LYS A 46 17.74 8.24 8.67
CA LYS A 46 18.15 8.75 9.99
C LYS A 46 17.02 8.76 11.03
N ASP A 47 15.79 9.01 10.60
CA ASP A 47 14.60 8.88 11.44
C ASP A 47 13.70 7.87 10.72
N PRO A 48 14.00 6.56 10.88
CA PRO A 48 13.51 5.58 9.89
C PRO A 48 12.00 5.36 9.86
N GLN A 49 11.49 5.06 8.67
CA GLN A 49 10.09 4.74 8.47
C GLN A 49 9.78 3.37 9.11
N LYS A 50 8.85 3.36 10.05
CA LYS A 50 8.41 2.13 10.73
C LYS A 50 7.33 1.45 9.90
N MET A 51 7.33 0.12 9.96
CA MET A 51 6.35 -0.69 9.25
C MET A 51 4.94 -0.38 9.75
N PHE A 52 4.00 -0.36 8.83
CA PHE A 52 2.60 -0.34 9.20
C PHE A 52 1.89 -1.51 8.54
N ALA A 53 0.65 -1.74 8.95
CA ALA A 53 -0.16 -2.86 8.47
C ALA A 53 -1.46 -2.32 7.90
N THR A 54 -2.05 -3.09 6.99
CA THR A 54 -3.33 -2.74 6.38
C THR A 54 -4.22 -3.98 6.38
N ILE A 55 -5.43 -3.84 6.91
CA ILE A 55 -6.38 -4.94 7.00
C ILE A 55 -7.47 -4.68 5.98
N TYR A 56 -7.69 -5.65 5.10
CA TYR A 56 -8.75 -5.59 4.09
C TYR A 56 -9.89 -6.47 4.54
N GLU A 57 -10.99 -5.85 4.97
CA GLU A 57 -12.20 -6.57 5.36
C GLU A 57 -13.22 -6.50 4.21
N LEU A 58 -13.54 -7.66 3.64
CA LEU A 58 -14.48 -7.76 2.52
C LEU A 58 -15.92 -7.71 3.03
N LYS A 59 -16.66 -6.69 2.61
CA LYS A 59 -18.06 -6.54 3.03
C LYS A 59 -18.98 -7.35 2.13
N GLU A 60 -20.20 -7.63 2.60
CA GLU A 60 -21.14 -8.45 1.82
C GLU A 60 -21.46 -7.85 0.45
N ASP A 61 -21.41 -6.52 0.33
CA ASP A 61 -21.56 -5.85 -0.97
C ASP A 61 -20.29 -5.81 -1.87
N LYS A 62 -19.21 -6.48 -1.46
CA LYS A 62 -17.97 -6.62 -2.26
C LYS A 62 -17.02 -5.40 -2.22
N SER A 63 -17.38 -4.34 -1.51
CA SER A 63 -16.40 -3.31 -1.15
C SER A 63 -15.52 -3.81 -0.01
N TYR A 64 -14.37 -3.16 0.19
CA TYR A 64 -13.51 -3.44 1.33
C TYR A 64 -13.57 -2.28 2.30
N ASN A 65 -13.68 -2.58 3.59
CA ASN A 65 -13.25 -1.64 4.63
C ASN A 65 -11.74 -1.83 4.79
N VAL A 66 -10.97 -0.78 4.53
CA VAL A 66 -9.51 -0.87 4.56
C VAL A 66 -9.01 -0.06 5.74
N THR A 67 -8.33 -0.72 6.66
CA THR A 67 -7.84 -0.08 7.87
C THR A 67 -6.33 -0.20 7.90
N SER A 68 -5.64 0.93 7.79
CA SER A 68 -4.20 0.97 8.00
C SER A 68 -3.97 1.39 9.43
N VAL A 69 -3.00 0.74 10.07
CA VAL A 69 -2.69 0.94 11.47
C VAL A 69 -1.19 1.20 11.56
N LEU A 70 -0.80 2.26 12.27
CA LEU A 70 0.59 2.70 12.37
C LEU A 70 0.87 3.11 13.81
N PHE A 71 2.11 2.88 14.26
CA PHE A 71 2.56 3.35 15.57
C PHE A 71 3.23 4.70 15.36
N ARG A 72 2.68 5.73 15.99
CA ARG A 72 3.07 7.10 15.70
C ARG A 72 2.85 7.91 16.96
N LYS A 73 3.92 8.52 17.46
CA LYS A 73 3.84 9.43 18.61
C LYS A 73 3.17 8.77 19.83
N LYS A 74 3.69 7.60 20.23
CA LYS A 74 3.17 6.87 21.39
C LYS A 74 1.65 6.55 21.34
N LYS A 75 1.09 6.40 20.15
CA LYS A 75 -0.30 5.95 20.00
C LYS A 75 -0.46 5.22 18.68
N CYS A 76 -1.57 4.53 18.52
CA CYS A 76 -1.90 3.92 17.24
C CYS A 76 -2.64 4.94 16.42
N ASP A 77 -2.16 5.15 15.20
CA ASP A 77 -2.80 6.03 14.23
C ASP A 77 -3.45 5.14 13.17
N TYR A 78 -4.54 5.63 12.59
CA TYR A 78 -5.34 4.86 11.65
C TYR A 78 -5.60 5.66 10.40
N TRP A 79 -5.74 4.96 9.28
CA TRP A 79 -6.44 5.52 8.12
C TRP A 79 -7.43 4.47 7.69
N ILE A 80 -8.70 4.76 7.97
CA ILE A 80 -9.78 3.86 7.63
C ILE A 80 -10.48 4.49 6.43
N ARG A 81 -10.72 3.69 5.41
CA ARG A 81 -11.40 4.13 4.22
C ARG A 81 -12.05 2.93 3.54
N THR A 82 -12.85 3.20 2.52
CA THR A 82 -13.59 2.18 1.78
C THR A 82 -13.03 2.12 0.36
N PHE A 83 -12.79 0.90 -0.12
CA PHE A 83 -12.45 0.64 -1.51
C PHE A 83 -13.68 0.02 -2.17
N VAL A 84 -14.26 0.74 -3.12
CA VAL A 84 -15.45 0.31 -3.85
C VAL A 84 -14.96 -0.26 -5.18
N PRO A 85 -15.49 -1.43 -5.61
CA PRO A 85 -14.99 -2.04 -6.84
C PRO A 85 -15.02 -1.10 -8.04
N GLY A 86 -13.94 -1.09 -8.82
CA GLY A 86 -13.79 -0.19 -9.94
C GLY A 86 -14.13 -0.88 -11.25
N SER A 87 -13.49 -0.42 -12.31
CA SER A 87 -13.82 -0.83 -13.69
C SER A 87 -13.45 -2.26 -14.07
N GLN A 88 -12.49 -2.83 -13.37
CA GLN A 88 -12.04 -4.19 -13.60
C GLN A 88 -11.84 -4.86 -12.25
N PRO A 89 -11.90 -6.21 -12.20
CA PRO A 89 -11.63 -6.90 -10.94
C PRO A 89 -10.19 -6.68 -10.49
N GLY A 90 -10.01 -6.38 -9.22
CA GLY A 90 -8.70 -5.96 -8.70
C GLY A 90 -8.45 -4.46 -8.79
N GLU A 91 -9.42 -3.70 -9.31
CA GLU A 91 -9.35 -2.24 -9.25
C GLU A 91 -10.42 -1.69 -8.35
N PHE A 92 -10.11 -0.56 -7.72
CA PHE A 92 -11.03 0.06 -6.79
C PHE A 92 -10.92 1.57 -6.86
N THR A 93 -11.93 2.23 -6.30
CA THR A 93 -11.89 3.65 -6.07
C THR A 93 -12.21 3.88 -4.62
N LEU A 94 -12.00 5.11 -4.20
CA LEU A 94 -12.21 5.50 -2.83
C LEU A 94 -13.69 5.75 -2.59
N GLY A 95 -14.21 5.17 -1.51
CA GLY A 95 -15.55 5.46 -1.05
C GLY A 95 -15.65 6.91 -0.61
N ASN A 96 -16.80 7.52 -0.89
CA ASN A 96 -17.03 8.96 -0.76
C ASN A 96 -15.83 9.89 -0.95
N ILE A 97 -15.36 9.99 -2.19
CA ILE A 97 -14.34 10.98 -2.56
C ILE A 97 -14.71 12.42 -2.20
N LYS A 98 -16.01 12.73 -2.18
CA LYS A 98 -16.50 14.05 -1.73
C LYS A 98 -16.03 14.48 -0.32
N SER A 99 -15.87 13.51 0.58
CA SER A 99 -15.41 13.79 1.95
C SER A 99 -13.92 14.17 2.05
N TYR A 100 -13.15 13.94 0.99
CA TYR A 100 -11.73 14.32 0.93
C TYR A 100 -11.62 15.60 0.12
N PRO A 101 -11.47 16.75 0.80
CA PRO A 101 -11.51 18.02 0.07
C PRO A 101 -10.35 18.16 -0.94
N GLY A 102 -10.69 18.55 -2.16
CA GLY A 102 -9.72 18.74 -3.24
C GLY A 102 -9.36 17.49 -4.03
N LEU A 103 -9.94 16.34 -3.68
CA LEU A 103 -9.63 15.06 -4.32
C LEU A 103 -10.55 14.87 -5.51
N THR A 104 -9.97 14.77 -6.71
CA THR A 104 -10.77 14.64 -7.93
C THR A 104 -10.78 13.22 -8.50
N SER A 105 -9.84 12.37 -8.07
CA SER A 105 -9.84 10.97 -8.49
C SER A 105 -8.96 10.16 -7.55
N TYR A 106 -9.32 8.88 -7.39
CA TYR A 106 -8.52 7.95 -6.61
C TYR A 106 -8.66 6.55 -7.21
N LEU A 107 -7.53 5.95 -7.59
CA LEU A 107 -7.51 4.63 -8.21
C LEU A 107 -6.59 3.69 -7.46
N VAL A 108 -7.07 2.47 -7.24
CA VAL A 108 -6.29 1.39 -6.67
C VAL A 108 -6.26 0.29 -7.70
N ARG A 109 -5.07 -0.27 -7.96
CA ARG A 109 -4.92 -1.42 -8.84
C ARG A 109 -4.01 -2.48 -8.21
N VAL A 110 -4.55 -3.67 -7.99
CA VAL A 110 -3.76 -4.81 -7.52
C VAL A 110 -2.92 -5.34 -8.68
N VAL A 111 -1.61 -5.18 -8.57
CA VAL A 111 -0.66 -5.44 -9.66
C VAL A 111 -0.37 -6.93 -9.77
N SER A 112 -0.06 -7.56 -8.64
CA SER A 112 0.28 -8.98 -8.60
C SER A 112 0.18 -9.49 -7.18
N THR A 113 -0.37 -10.69 -7.01
CA THR A 113 -0.42 -11.31 -5.68
C THR A 113 -0.54 -12.82 -5.80
N ASN A 114 -0.01 -13.54 -4.82
CA ASN A 114 -0.32 -14.97 -4.67
C ASN A 114 -1.23 -15.22 -3.47
N TYR A 115 -1.74 -14.14 -2.88
CA TYR A 115 -2.73 -14.16 -1.79
C TYR A 115 -2.25 -14.59 -0.42
N ASN A 116 -1.40 -15.62 -0.35
CA ASN A 116 -0.95 -16.13 0.96
C ASN A 116 0.48 -15.74 1.36
N GLN A 117 1.19 -14.98 0.52
CA GLN A 117 2.54 -14.53 0.85
C GLN A 117 2.80 -13.07 0.55
N HIS A 118 2.57 -12.65 -0.70
CA HIS A 118 2.91 -11.29 -1.13
C HIS A 118 1.92 -10.68 -2.09
N ALA A 119 1.93 -9.34 -2.14
CA ALA A 119 1.15 -8.59 -3.12
C ALA A 119 1.85 -7.30 -3.46
N MET A 120 1.61 -6.81 -4.67
CA MET A 120 1.98 -5.46 -5.03
C MET A 120 0.71 -4.72 -5.44
N VAL A 121 0.55 -3.51 -4.91
CA VAL A 121 -0.62 -2.68 -5.17
C VAL A 121 -0.20 -1.27 -5.56
N PHE A 122 -0.85 -0.75 -6.62
CA PHE A 122 -0.59 0.56 -7.16
C PHE A 122 -1.76 1.48 -6.81
N PHE A 123 -1.42 2.69 -6.40
CA PHE A 123 -2.40 3.71 -6.02
C PHE A 123 -2.08 4.99 -6.80
N LYS A 124 -3.09 5.64 -7.37
CA LYS A 124 -2.91 6.91 -8.06
C LYS A 124 -4.06 7.85 -7.71
N TRP A 125 -3.75 9.10 -7.43
CA TRP A 125 -4.78 10.07 -7.11
C TRP A 125 -4.42 11.49 -7.53
N VAL A 126 -5.45 12.27 -7.79
CA VAL A 126 -5.31 13.66 -8.19
C VAL A 126 -5.96 14.52 -7.10
N SER A 127 -5.15 15.36 -6.47
CA SER A 127 -5.59 16.24 -5.39
C SER A 127 -5.02 17.64 -5.64
N GLN A 128 -5.88 18.66 -5.58
CA GLN A 128 -5.51 20.06 -5.88
C GLN A 128 -4.86 20.16 -7.28
N ASN A 129 -5.41 19.41 -8.23
CA ASN A 129 -4.87 19.27 -9.58
C ASN A 129 -3.36 18.97 -9.61
N ARG A 130 -2.95 18.05 -8.75
CA ARG A 130 -1.58 17.49 -8.72
C ARG A 130 -1.70 15.97 -8.59
N GLU A 131 -0.86 15.26 -9.33
CA GLU A 131 -0.96 13.82 -9.53
C GLU A 131 0.02 13.08 -8.61
N TYR A 132 -0.51 12.20 -7.76
CA TYR A 132 0.29 11.40 -6.82
C TYR A 132 0.13 9.93 -7.15
N PHE A 133 1.18 9.16 -6.86
CA PHE A 133 1.05 7.73 -6.93
C PHE A 133 2.02 7.05 -5.97
N ASN A 134 1.62 5.88 -5.49
CA ASN A 134 2.52 5.02 -4.76
C ASN A 134 2.28 3.56 -5.11
N ILE A 135 3.29 2.75 -4.84
CA ILE A 135 3.25 1.31 -5.00
C ILE A 135 3.62 0.72 -3.64
N THR A 136 2.85 -0.28 -3.22
CA THR A 136 3.10 -0.96 -1.95
C THR A 136 3.42 -2.42 -2.20
N LEU A 137 4.46 -2.92 -1.55
CA LEU A 137 4.77 -4.33 -1.47
C LEU A 137 4.26 -4.84 -0.14
N TYR A 138 3.27 -5.71 -0.21
CA TYR A 138 2.64 -6.28 0.97
C TYR A 138 3.18 -7.67 1.22
N GLY A 139 3.31 -8.03 2.49
CA GLY A 139 3.59 -9.41 2.89
C GLY A 139 2.63 -9.90 3.97
N ARG A 140 2.32 -11.18 3.95
CA ARG A 140 1.57 -11.79 5.04
C ARG A 140 2.41 -11.88 6.32
N THR A 141 3.73 -11.85 6.17
CA THR A 141 4.67 -11.70 7.27
C THR A 141 5.41 -10.36 7.10
N LYS A 142 6.21 -10.00 8.09
CA LYS A 142 6.93 -8.72 8.09
C LYS A 142 8.22 -8.75 7.26
N GLU A 143 8.63 -9.94 6.84
CA GLU A 143 9.82 -10.19 6.06
C GLU A 143 9.42 -10.84 4.74
N LEU A 144 10.03 -10.43 3.64
CA LEU A 144 9.96 -11.14 2.37
C LEU A 144 11.38 -11.37 1.87
N THR A 145 11.51 -12.23 0.86
CA THR A 145 12.80 -12.56 0.28
C THR A 145 13.41 -11.40 -0.49
N SER A 146 14.72 -11.46 -0.69
CA SER A 146 15.44 -10.43 -1.46
C SER A 146 15.00 -10.38 -2.92
N GLU A 147 14.60 -11.52 -3.47
CA GLU A 147 14.08 -11.58 -4.82
C GLU A 147 12.80 -10.76 -5.01
N LEU A 148 11.85 -10.88 -4.08
CA LEU A 148 10.62 -10.07 -4.11
C LEU A 148 10.94 -8.58 -3.97
N LYS A 149 11.86 -8.24 -3.07
CA LYS A 149 12.22 -6.84 -2.84
C LYS A 149 12.98 -6.20 -4.02
N GLU A 150 13.84 -6.99 -4.67
CA GLU A 150 14.51 -6.54 -5.91
C GLU A 150 13.54 -6.39 -7.06
N ASN A 151 12.58 -7.30 -7.17
CA ASN A 151 11.49 -7.18 -8.15
C ASN A 151 10.71 -5.88 -7.93
N PHE A 152 10.45 -5.54 -6.67
CA PHE A 152 9.73 -4.31 -6.31
C PHE A 152 10.51 -3.06 -6.73
N ILE A 153 11.81 -3.07 -6.48
CA ILE A 153 12.70 -1.98 -6.89
C ILE A 153 12.69 -1.85 -8.42
N ARG A 154 12.91 -2.96 -9.12
CA ARG A 154 12.85 -2.98 -10.59
C ARG A 154 11.53 -2.43 -11.10
N PHE A 155 10.41 -2.92 -10.56
CA PHE A 155 9.08 -2.40 -10.92
C PHE A 155 8.93 -0.91 -10.62
N SER A 156 9.29 -0.49 -9.41
CA SER A 156 9.17 0.92 -9.02
C SER A 156 9.97 1.85 -9.94
N LYS A 157 11.17 1.42 -10.31
CA LYS A 157 11.99 2.15 -11.28
C LYS A 157 11.38 2.17 -12.69
N SER A 158 10.79 1.07 -13.12
CA SER A 158 10.08 1.04 -14.42
C SER A 158 8.90 2.04 -14.47
N LEU A 159 8.39 2.46 -13.31
CA LEU A 159 7.32 3.47 -13.22
C LEU A 159 7.82 4.91 -13.06
N GLY A 160 9.14 5.09 -13.08
CA GLY A 160 9.77 6.41 -13.10
C GLY A 160 10.33 6.89 -11.78
N LEU A 161 10.38 6.01 -10.77
CA LEU A 161 10.84 6.40 -9.45
C LEU A 161 12.33 6.13 -9.25
N PRO A 162 13.10 7.15 -8.83
CA PRO A 162 14.46 6.83 -8.37
C PRO A 162 14.46 6.09 -7.03
N GLU A 163 15.56 5.40 -6.79
CA GLU A 163 15.85 4.69 -5.54
C GLU A 163 15.55 5.44 -4.21
N ASN A 164 15.78 6.75 -4.19
CA ASN A 164 15.52 7.54 -2.96
C ASN A 164 14.02 7.78 -2.67
N HIS A 165 13.16 7.33 -3.59
CA HIS A 165 11.70 7.33 -3.41
C HIS A 165 11.13 5.94 -3.05
N ILE A 166 12.00 4.99 -2.71
CA ILE A 166 11.61 3.63 -2.35
C ILE A 166 12.04 3.33 -0.91
N VAL A 167 11.08 2.91 -0.08
CA VAL A 167 11.30 2.69 1.36
C VAL A 167 11.01 1.24 1.71
N PHE A 168 11.89 0.63 2.50
CA PHE A 168 11.61 -0.68 3.09
C PHE A 168 11.44 -0.50 4.62
N PRO A 169 10.18 -0.30 5.09
CA PRO A 169 10.00 0.09 6.49
C PRO A 169 10.53 -0.95 7.48
N VAL A 170 10.99 -0.47 8.62
CA VAL A 170 11.54 -1.32 9.66
C VAL A 170 10.41 -2.05 10.41
N PRO A 171 10.51 -3.40 10.52
CA PRO A 171 9.55 -4.17 11.32
C PRO A 171 9.47 -3.71 12.77
N ILE A 172 8.24 -3.61 13.29
CA ILE A 172 7.95 -3.30 14.69
C ILE A 172 6.76 -4.15 15.15
N ASP A 173 6.51 -4.16 16.45
CA ASP A 173 5.39 -4.90 17.05
C ASP A 173 4.19 -4.01 17.43
N GLN A 174 4.46 -2.80 17.91
CA GLN A 174 3.39 -1.94 18.46
C GLN A 174 2.35 -1.64 17.41
N CYS A 175 1.08 -1.75 17.81
CA CYS A 175 -0.09 -1.44 16.98
C CYS A 175 -0.34 -2.40 15.83
N ILE A 176 0.71 -2.92 15.19
CA ILE A 176 0.53 -3.70 13.98
C ILE A 176 0.51 -5.21 14.22
N ASP A 177 1.06 -5.68 15.33
CA ASP A 177 1.13 -7.11 15.58
C ASP A 177 0.33 -7.43 16.84
N GLY A 178 -0.93 -7.83 16.63
CA GLY A 178 -1.91 -7.97 17.71
C GLY A 178 -1.73 -9.11 18.72
N SER A 179 -0.71 -9.95 18.54
CA SER A 179 -0.43 -11.05 19.47
C SER A 179 1.07 -11.22 19.79
N ALA A 180 1.85 -10.15 19.64
CA ALA A 180 3.29 -10.19 19.94
C ALA A 180 3.61 -9.76 21.38
N TRP A 181 2.77 -8.88 21.94
CA TRP A 181 2.94 -8.34 23.31
C TRP A 181 4.34 -7.71 23.52
N SER A 182 4.83 -7.68 24.76
CA SER A 182 6.12 -7.07 25.07
C SER A 182 6.94 -8.03 25.94
N HIS A 183 8.10 -8.45 25.43
CA HIS A 183 8.91 -9.49 26.07
C HIS A 183 10.39 -9.32 25.71
N PRO A 184 11.31 -9.87 26.51
CA PRO A 184 12.72 -9.90 26.09
C PRO A 184 12.95 -10.88 24.94
N GLN A 185 13.77 -10.47 23.97
CA GLN A 185 14.00 -11.22 22.72
C GLN A 185 14.59 -12.62 22.91
N PHE A 186 14.12 -13.56 22.09
CA PHE A 186 14.35 -14.99 22.32
C PHE A 186 15.76 -15.42 21.88
S SO4 B . -19.96 0.76 -0.06
O1 SO4 B . -21.42 0.88 -0.26
O2 SO4 B . -19.65 -0.45 0.72
O3 SO4 B . -19.29 0.66 -1.38
O4 SO4 B . -19.47 1.96 0.67
S SO4 C . -7.02 -18.41 -7.69
O1 SO4 C . -7.98 -19.48 -7.30
O2 SO4 C . -5.85 -18.99 -8.36
O3 SO4 C . -6.59 -17.67 -6.48
O4 SO4 C . -7.69 -17.47 -8.62
S SO4 D . -20.86 -6.37 5.96
O1 SO4 D . -20.82 -7.71 5.35
O2 SO4 D . -21.72 -6.39 7.17
O3 SO4 D . -19.50 -5.94 6.35
O4 SO4 D . -21.43 -5.41 4.98
#